data_5HIO
#
_entry.id   5HIO
#
_cell.length_a   61.124
_cell.length_b   61.124
_cell.length_c   145.979
_cell.angle_alpha   90.000
_cell.angle_beta   90.000
_cell.angle_gamma   120.000
#
_symmetry.space_group_name_H-M   'P 32 2 1'
#
loop_
_entity.id
_entity.type
_entity.pdbx_description
1 polymer PqsE
2 non-polymer 'FE (III) ION'
3 non-polymer '3-(2-aminophenyl)-3-oxopropanoic acid'
4 water water
#
_entity_poly.entity_id   1
_entity_poly.type   'polypeptide(L)'
_entity_poly.pdbx_seq_one_letter_code
;GHMLRLSAPGQLDDDLCLLGDVQVPVFLLRLGEASWALVEGGISRDAELVWADLCRWVADPSQVHYWLITHKHYDHCGLL
PYLCPRLPNVQVLASERTCQAWKSESAVRVVERLNRQLLRAEQRLPEACAWDALPVRAVADGEWLELGPRHRLQVIEAHG
HSDDHVVFYDVRRRRLFCGDALGEFDEAEGVWRPLVFDDMEAYLESLERLQRLPTLLQLIPGHGGLLRGRLAADGAESAY
TECLRLCRRLLWRQSMGESLDELSEELHRAWGGQSVDFLPGELHLGSMRRMLEILSRQALPLD
;
_entity_poly.pdbx_strand_id   A
#
loop_
_chem_comp.id
_chem_comp.type
_chem_comp.name
_chem_comp.formula
61M non-polymer '3-(2-aminophenyl)-3-oxopropanoic acid' 'C9 H9 N O3'
FE non-polymer 'FE (III) ION' 'Fe 3'
#
# COMPACT_ATOMS: atom_id res chain seq x y z
N HIS A 2 -20.16 5.06 -5.93
CA HIS A 2 -20.47 5.75 -4.65
C HIS A 2 -19.73 7.10 -4.55
N MET A 3 -20.24 7.99 -3.69
CA MET A 3 -19.69 9.33 -3.57
C MET A 3 -18.59 9.44 -2.50
N LEU A 4 -18.52 8.51 -1.54
CA LEU A 4 -17.47 8.52 -0.51
C LEU A 4 -16.20 7.80 -0.95
N ARG A 5 -16.17 7.27 -2.17
CA ARG A 5 -15.02 6.55 -2.69
C ARG A 5 -14.79 7.02 -4.13
N LEU A 6 -13.66 7.69 -4.37
CA LEU A 6 -13.21 8.02 -5.73
C LEU A 6 -12.34 6.89 -6.24
N SER A 7 -12.81 6.21 -7.27
CA SER A 7 -12.17 4.99 -7.73
C SER A 7 -12.13 4.96 -9.24
N ALA A 8 -11.76 6.07 -9.86
CA ALA A 8 -11.54 6.13 -11.29
C ALA A 8 -10.17 6.75 -11.58
N PRO A 9 -9.49 6.28 -12.61
CA PRO A 9 -8.24 6.92 -13.02
C PRO A 9 -8.46 8.39 -13.35
N GLY A 10 -7.42 9.18 -13.21
CA GLY A 10 -7.48 10.59 -13.53
C GLY A 10 -7.46 11.47 -12.30
N GLN A 11 -8.03 12.67 -12.45
CA GLN A 11 -7.93 13.68 -11.42
C GLN A 11 -8.84 13.36 -10.23
N LEU A 12 -8.27 13.40 -9.03
CA LEU A 12 -9.01 13.18 -7.78
C LEU A 12 -9.22 14.44 -6.97
N ASP A 13 -8.28 15.38 -7.04
CA ASP A 13 -8.33 16.63 -6.32
C ASP A 13 -7.53 17.64 -7.13
N ASP A 14 -7.51 18.89 -6.68
CA ASP A 14 -6.81 19.93 -7.44
C ASP A 14 -5.37 19.56 -7.69
N ASP A 15 -4.74 18.89 -6.73
CA ASP A 15 -3.33 18.58 -6.76
C ASP A 15 -3.02 17.09 -6.96
N LEU A 16 -4.03 16.25 -7.21
CA LEU A 16 -3.84 14.82 -7.04
C LEU A 16 -4.48 14.04 -8.18
N CYS A 17 -3.71 13.14 -8.80
CA CYS A 17 -4.25 12.27 -9.82
CA CYS A 17 -4.24 12.27 -9.83
C CYS A 17 -3.93 10.81 -9.50
N LEU A 18 -4.79 9.92 -9.99
CA LEU A 18 -4.59 8.49 -9.89
C LEU A 18 -4.11 7.99 -11.25
N LEU A 19 -2.92 7.37 -11.24
CA LEU A 19 -2.35 6.78 -12.43
C LEU A 19 -2.52 5.27 -12.40
N GLY A 20 -2.74 4.68 -13.56
CA GLY A 20 -2.82 3.24 -13.63
C GLY A 20 -4.15 2.69 -13.18
N ASP A 21 -4.09 1.47 -12.68
CA ASP A 21 -5.28 0.74 -12.27
CA ASP A 21 -5.24 0.69 -12.24
C ASP A 21 -5.62 1.06 -10.81
N VAL A 22 -6.91 1.33 -10.56
CA VAL A 22 -7.33 1.68 -9.21
CA VAL A 22 -7.38 1.66 -9.22
C VAL A 22 -7.01 0.58 -8.22
N GLN A 23 -6.88 -0.67 -8.68
CA GLN A 23 -6.57 -1.75 -7.75
C GLN A 23 -5.12 -1.72 -7.25
N VAL A 24 -4.17 -1.19 -8.04
CA VAL A 24 -2.79 -1.03 -7.61
CA VAL A 24 -2.79 -1.02 -7.60
C VAL A 24 -2.32 0.34 -8.11
N PRO A 25 -2.86 1.43 -7.58
CA PRO A 25 -2.63 2.74 -8.15
C PRO A 25 -1.28 3.35 -7.82
N VAL A 26 -0.86 4.28 -8.67
CA VAL A 26 0.21 5.22 -8.35
C VAL A 26 -0.38 6.62 -8.33
N PHE A 27 -0.10 7.37 -7.26
CA PHE A 27 -0.70 8.68 -7.09
C PHE A 27 0.29 9.74 -7.52
N LEU A 28 -0.23 10.77 -8.17
CA LEU A 28 0.58 11.84 -8.73
C LEU A 28 0.21 13.12 -8.01
N LEU A 29 1.18 13.74 -7.34
CA LEU A 29 0.99 15.03 -6.67
C LEU A 29 1.62 16.15 -7.48
N ARG A 30 0.84 17.21 -7.74
CA ARG A 30 1.38 18.41 -8.37
C ARG A 30 1.91 19.33 -7.26
N LEU A 31 3.23 19.47 -7.19
CA LEU A 31 3.88 20.24 -6.12
C LEU A 31 4.06 21.71 -6.49
N GLY A 32 4.01 22.03 -7.77
CA GLY A 32 4.24 23.38 -8.22
C GLY A 32 4.07 23.41 -9.71
N GLU A 33 4.45 24.54 -10.33
CA GLU A 33 4.29 24.65 -11.77
C GLU A 33 5.14 23.63 -12.50
N ALA A 34 6.33 23.33 -11.97
CA ALA A 34 7.24 22.41 -12.64
C ALA A 34 7.81 21.38 -11.68
N SER A 35 6.96 20.79 -10.84
CA SER A 35 7.43 19.86 -9.83
C SER A 35 6.31 18.90 -9.44
N TRP A 36 6.66 17.61 -9.31
CA TRP A 36 5.68 16.57 -9.09
C TRP A 36 6.28 15.49 -8.19
N ALA A 37 5.40 14.76 -7.48
CA ALA A 37 5.81 13.57 -6.75
C ALA A 37 4.87 12.42 -7.08
N LEU A 38 5.40 11.20 -6.97
CA LEU A 38 4.61 9.98 -7.01
C LEU A 38 4.50 9.39 -5.61
N VAL A 39 3.40 8.70 -5.35
CA VAL A 39 3.19 8.00 -4.08
C VAL A 39 2.67 6.59 -4.38
N GLU A 40 3.33 5.58 -3.80
CA GLU A 40 3.11 4.15 -3.97
C GLU A 40 3.80 3.69 -5.26
N GLY A 41 4.30 2.46 -5.26
CA GLY A 41 5.17 1.99 -6.32
C GLY A 41 4.69 0.80 -7.12
N GLY A 42 3.46 0.36 -6.91
CA GLY A 42 2.75 -0.55 -7.80
C GLY A 42 3.42 -1.86 -8.15
N ILE A 43 2.97 -2.48 -9.27
CA ILE A 43 3.49 -3.77 -9.76
C ILE A 43 4.21 -3.53 -11.08
N SER A 44 5.26 -4.32 -11.29
CA SER A 44 6.17 -4.11 -12.41
C SER A 44 5.44 -4.09 -13.76
N ARG A 45 4.48 -5.01 -13.95
CA ARG A 45 3.84 -5.17 -15.25
C ARG A 45 3.02 -3.95 -15.67
N ASP A 46 2.76 -3.02 -14.76
CA ASP A 46 2.00 -1.81 -15.07
C ASP A 46 2.91 -0.67 -15.49
N ALA A 47 4.20 -0.94 -15.70
CA ALA A 47 5.16 0.13 -16.02
C ALA A 47 4.69 0.99 -17.19
N GLU A 48 4.34 0.36 -18.32
CA GLU A 48 3.98 1.17 -19.48
C GLU A 48 2.61 1.82 -19.31
N LEU A 49 1.71 1.17 -18.59
CA LEU A 49 0.42 1.80 -18.31
C LEU A 49 0.62 3.08 -17.50
N VAL A 50 1.35 2.96 -16.39
CA VAL A 50 1.53 4.10 -15.50
C VAL A 50 2.33 5.20 -16.21
N TRP A 51 3.37 4.81 -16.94
CA TRP A 51 4.15 5.78 -17.71
C TRP A 51 3.29 6.58 -18.68
N ALA A 52 2.43 5.88 -19.43
CA ALA A 52 1.58 6.57 -20.40
C ALA A 52 0.65 7.54 -19.69
N ASP A 53 0.06 7.12 -18.56
CA ASP A 53 -0.83 7.99 -17.79
C ASP A 53 -0.06 9.19 -17.26
N LEU A 54 1.10 8.94 -16.66
CA LEU A 54 1.96 10.01 -16.20
C LEU A 54 2.19 11.05 -17.28
N CYS A 55 2.58 10.60 -18.48
CA CYS A 55 2.90 11.54 -19.55
C CYS A 55 1.69 12.36 -19.99
N ARG A 56 0.48 11.90 -19.68
CA ARG A 56 -0.72 12.68 -19.93
C ARG A 56 -0.76 13.95 -19.07
N TRP A 57 -0.15 13.91 -17.90
CA TRP A 57 -0.22 15.01 -16.94
C TRP A 57 1.07 15.79 -16.84
N VAL A 58 2.21 15.16 -17.12
CA VAL A 58 3.51 15.70 -16.87
C VAL A 58 4.19 15.80 -18.23
N ALA A 59 4.37 17.02 -18.72
CA ALA A 59 4.95 17.19 -20.05
C ALA A 59 6.43 16.80 -20.06
N ASP A 60 7.15 17.12 -18.98
CA ASP A 60 8.57 16.83 -18.87
C ASP A 60 8.80 15.98 -17.62
N PRO A 61 9.04 14.68 -17.76
CA PRO A 61 9.19 13.81 -16.57
C PRO A 61 10.44 14.10 -15.74
N SER A 62 11.38 14.91 -16.22
CA SER A 62 12.46 15.37 -15.35
C SER A 62 11.95 16.28 -14.24
N GLN A 63 10.68 16.67 -14.28
CA GLN A 63 10.09 17.43 -13.19
C GLN A 63 9.54 16.54 -12.09
N VAL A 64 9.59 15.22 -12.23
CA VAL A 64 9.15 14.32 -11.15
C VAL A 64 10.32 14.18 -10.19
N HIS A 65 10.17 14.77 -9.00
CA HIS A 65 11.28 14.92 -8.07
C HIS A 65 11.27 13.93 -6.91
N TYR A 66 10.11 13.39 -6.54
CA TYR A 66 10.04 12.50 -5.39
C TYR A 66 9.12 11.32 -5.67
N TRP A 67 9.45 10.18 -5.08
CA TRP A 67 8.64 8.97 -5.15
C TRP A 67 8.54 8.37 -3.76
N LEU A 68 7.38 8.51 -3.12
CA LEU A 68 7.16 8.07 -1.75
C LEU A 68 6.66 6.63 -1.75
N ILE A 69 7.25 5.80 -0.88
CA ILE A 69 7.01 4.36 -0.87
C ILE A 69 6.58 3.96 0.54
N THR A 70 5.42 3.31 0.65
CA THR A 70 4.95 2.92 1.98
C THR A 70 5.67 1.67 2.50
N HIS A 71 5.96 0.69 1.65
CA HIS A 71 6.60 -0.52 2.16
C HIS A 71 7.10 -1.41 1.02
N LYS A 72 7.78 -2.49 1.41
CA LYS A 72 8.64 -3.28 0.54
C LYS A 72 7.90 -4.41 -0.21
N HIS A 73 6.60 -4.57 0.00
CA HIS A 73 5.90 -5.66 -0.66
C HIS A 73 5.93 -5.48 -2.17
N TYR A 74 5.83 -6.62 -2.88
CA TYR A 74 6.02 -6.63 -4.33
C TYR A 74 5.06 -5.70 -5.05
N ASP A 75 3.86 -5.51 -4.50
CA ASP A 75 2.83 -4.70 -5.13
C ASP A 75 2.89 -3.23 -4.71
N HIS A 76 3.93 -2.82 -4.00
CA HIS A 76 4.10 -1.43 -3.61
C HIS A 76 5.43 -0.84 -4.02
N CYS A 77 6.27 -1.59 -4.72
CA CYS A 77 7.53 -1.06 -5.20
C CYS A 77 7.97 -1.69 -6.53
N GLY A 78 7.11 -2.43 -7.22
CA GLY A 78 7.51 -3.16 -8.41
C GLY A 78 7.82 -2.29 -9.60
N LEU A 79 7.35 -1.06 -9.62
CA LEU A 79 7.62 -0.13 -10.73
C LEU A 79 8.97 0.54 -10.63
N LEU A 80 9.57 0.57 -9.44
CA LEU A 80 10.76 1.40 -9.22
C LEU A 80 11.87 1.11 -10.21
N PRO A 81 12.31 -0.13 -10.41
CA PRO A 81 13.41 -0.38 -11.34
C PRO A 81 13.07 0.00 -12.78
N TYR A 82 11.80 -0.05 -13.16
CA TYR A 82 11.44 0.11 -14.57
C TYR A 82 11.13 1.54 -14.94
N LEU A 83 10.63 2.35 -14.02
CA LEU A 83 10.40 3.74 -14.33
C LEU A 83 11.51 4.68 -13.87
N CYS A 84 12.30 4.27 -12.86
CA CYS A 84 13.49 5.02 -12.41
CA CYS A 84 13.37 5.16 -12.43
C CYS A 84 14.34 5.56 -13.54
N PRO A 85 14.71 4.73 -14.53
CA PRO A 85 15.54 5.24 -15.63
C PRO A 85 14.88 6.33 -16.44
N ARG A 86 13.55 6.38 -16.48
CA ARG A 86 12.82 7.41 -17.21
C ARG A 86 12.56 8.66 -16.37
N LEU A 87 13.02 8.69 -15.12
CA LEU A 87 12.76 9.80 -14.19
C LEU A 87 14.09 10.30 -13.65
N PRO A 88 14.86 11.03 -14.46
CA PRO A 88 16.26 11.30 -14.11
C PRO A 88 16.46 12.09 -12.81
N ASN A 89 15.48 12.87 -12.38
CA ASN A 89 15.64 13.71 -11.19
C ASN A 89 14.91 13.18 -9.96
N VAL A 90 14.35 11.97 -10.02
CA VAL A 90 13.53 11.49 -8.91
C VAL A 90 14.41 11.01 -7.77
N GLN A 91 13.92 11.23 -6.55
CA GLN A 91 14.47 10.67 -5.33
C GLN A 91 13.42 9.79 -4.71
N VAL A 92 13.75 8.51 -4.50
CA VAL A 92 12.82 7.59 -3.84
C VAL A 92 12.96 7.79 -2.34
N LEU A 93 11.82 8.01 -1.68
CA LEU A 93 11.77 8.23 -0.24
C LEU A 93 11.12 7.03 0.42
N ALA A 94 11.88 6.34 1.26
CA ALA A 94 11.38 5.13 1.89
C ALA A 94 12.04 4.96 3.25
N SER A 95 11.44 4.13 4.08
CA SER A 95 11.97 3.90 5.41
C SER A 95 13.31 3.18 5.34
N GLU A 96 14.04 3.21 6.45
CA GLU A 96 15.32 2.52 6.51
C GLU A 96 15.14 1.03 6.20
N ARG A 97 14.14 0.39 6.82
CA ARG A 97 13.93 -1.03 6.62
C ARG A 97 13.49 -1.33 5.19
N THR A 98 12.63 -0.49 4.62
CA THR A 98 12.24 -0.64 3.23
C THR A 98 13.47 -0.57 2.33
N CYS A 99 14.34 0.43 2.56
CA CYS A 99 15.56 0.55 1.75
C CYS A 99 16.42 -0.69 1.87
N GLN A 100 16.51 -1.26 3.08
CA GLN A 100 17.35 -2.43 3.29
C GLN A 100 16.87 -3.61 2.45
N ALA A 101 15.55 -3.73 2.29
CA ALA A 101 15.00 -4.83 1.51
C ALA A 101 15.56 -4.81 0.09
N TRP A 102 15.77 -3.62 -0.47
CA TRP A 102 16.26 -3.50 -1.82
C TRP A 102 17.77 -3.77 -1.91
N LYS A 103 18.44 -3.92 -0.77
CA LYS A 103 19.84 -4.33 -0.71
C LYS A 103 20.01 -5.84 -0.50
N SER A 104 18.92 -6.56 -0.32
CA SER A 104 18.98 -7.99 -0.04
C SER A 104 18.62 -8.76 -1.31
N GLU A 105 19.56 -9.57 -1.79
CA GLU A 105 19.31 -10.41 -2.95
C GLU A 105 18.06 -11.26 -2.76
N SER A 106 17.94 -11.91 -1.59
CA SER A 106 16.83 -12.82 -1.37
C SER A 106 15.50 -12.08 -1.35
N ALA A 107 15.47 -10.88 -0.77
CA ALA A 107 14.24 -10.09 -0.76
C ALA A 107 13.88 -9.65 -2.18
N VAL A 108 14.86 -9.11 -2.91
CA VAL A 108 14.64 -8.69 -4.28
C VAL A 108 14.14 -9.86 -5.12
N ARG A 109 14.65 -11.06 -4.84
CA ARG A 109 14.29 -12.25 -5.61
C ARG A 109 12.81 -12.57 -5.48
N VAL A 110 12.29 -12.51 -4.25
CA VAL A 110 10.88 -12.74 -4.03
C VAL A 110 10.03 -11.71 -4.78
N VAL A 111 10.41 -10.43 -4.64
CA VAL A 111 9.67 -9.34 -5.30
C VAL A 111 9.61 -9.57 -6.81
N GLU A 112 10.75 -9.92 -7.43
CA GLU A 112 10.74 -10.10 -8.87
C GLU A 112 9.90 -11.30 -9.27
N ARG A 113 10.03 -12.41 -8.54
CA ARG A 113 9.24 -13.59 -8.86
C ARG A 113 7.75 -13.29 -8.82
N LEU A 114 7.29 -12.62 -7.76
CA LEU A 114 5.86 -12.35 -7.65
C LEU A 114 5.39 -11.40 -8.75
N ASN A 115 6.21 -10.41 -9.10
CA ASN A 115 5.82 -9.50 -10.17
C ASN A 115 5.89 -10.17 -11.53
N ARG A 116 6.85 -11.07 -11.73
CA ARG A 116 6.95 -11.80 -12.99
CA ARG A 116 6.94 -11.78 -13.01
C ARG A 116 5.72 -12.66 -13.25
N GLN A 117 5.12 -13.19 -12.18
CA GLN A 117 3.94 -14.03 -12.34
C GLN A 117 2.72 -13.26 -12.81
N LEU A 118 2.75 -11.93 -12.76
CA LEU A 118 1.64 -11.09 -13.21
C LEU A 118 1.81 -10.56 -14.63
N LEU A 119 2.87 -10.95 -15.33
CA LEU A 119 3.04 -10.51 -16.72
C LEU A 119 2.08 -11.25 -17.64
N ARG A 120 1.37 -10.51 -18.47
CA ARG A 120 0.63 -11.15 -19.56
C ARG A 120 1.62 -11.87 -20.46
N ALA A 121 1.20 -13.00 -21.03
CA ALA A 121 2.09 -13.78 -21.89
C ALA A 121 2.63 -12.89 -23.01
N GLU A 122 3.90 -13.12 -23.34
CA GLU A 122 4.66 -12.35 -24.33
C GLU A 122 4.96 -10.93 -23.87
N GLN A 123 4.62 -10.56 -22.63
CA GLN A 123 4.85 -9.20 -22.16
C GLN A 123 6.28 -9.07 -21.65
N ARG A 124 6.99 -8.06 -22.17
CA ARG A 124 8.38 -7.83 -21.81
C ARG A 124 8.48 -6.54 -21.00
N LEU A 125 9.45 -6.52 -20.04
CA LEU A 125 9.58 -5.34 -19.19
C LEU A 125 10.62 -4.38 -19.73
N PRO A 126 10.53 -3.09 -19.41
CA PRO A 126 11.54 -2.12 -19.88
C PRO A 126 12.89 -2.38 -19.25
N GLU A 127 13.91 -1.69 -19.77
CA GLU A 127 15.23 -1.68 -19.16
C GLU A 127 15.12 -1.18 -17.71
N ALA A 128 15.88 -1.80 -16.81
CA ALA A 128 15.69 -1.61 -15.37
C ALA A 128 16.97 -1.12 -14.68
N CYS A 129 16.80 -0.16 -13.76
CA CYS A 129 17.83 0.15 -12.77
C CYS A 129 18.02 -1.06 -11.88
N ALA A 130 19.26 -1.30 -11.45
CA ALA A 130 19.49 -2.32 -10.43
C ALA A 130 18.77 -1.93 -9.14
N TRP A 131 18.18 -2.92 -8.48
CA TRP A 131 17.48 -2.63 -7.22
C TRP A 131 18.41 -1.94 -6.23
N ASP A 132 19.68 -2.32 -6.20
CA ASP A 132 20.60 -1.75 -5.24
C ASP A 132 21.19 -0.42 -5.71
N ALA A 133 20.83 0.06 -6.90
CA ALA A 133 21.28 1.34 -7.41
C ALA A 133 20.13 2.35 -7.52
N LEU A 134 18.98 2.05 -6.91
CA LEU A 134 17.86 2.99 -6.95
C LEU A 134 18.25 4.29 -6.28
N PRO A 135 17.76 5.49 -6.79
CA PRO A 135 18.13 6.76 -6.16
C PRO A 135 17.30 7.01 -4.90
N VAL A 136 17.68 6.34 -3.82
CA VAL A 136 16.85 6.29 -2.62
C VAL A 136 17.42 7.22 -1.57
N ARG A 137 16.52 7.77 -0.76
CA ARG A 137 16.88 8.52 0.45
C ARG A 137 16.01 7.99 1.57
N ALA A 138 16.65 7.44 2.59
CA ALA A 138 15.92 6.86 3.70
C ALA A 138 15.30 7.95 4.54
N VAL A 139 14.05 7.75 4.98
CA VAL A 139 13.34 8.71 5.81
C VAL A 139 12.99 8.07 7.16
N ALA A 140 12.96 8.91 8.19
CA ALA A 140 12.77 8.47 9.56
C ALA A 140 11.33 8.68 10.05
N ASP A 141 10.96 7.90 11.06
CA ASP A 141 9.71 8.10 11.76
C ASP A 141 9.62 9.53 12.29
N GLY A 142 8.52 10.22 11.96
CA GLY A 142 8.33 11.58 12.41
C GLY A 142 8.91 12.66 11.50
N GLU A 143 9.68 12.27 10.49
CA GLU A 143 10.32 13.25 9.61
C GLU A 143 9.30 13.99 8.75
N TRP A 144 9.48 15.31 8.65
CA TRP A 144 8.65 16.13 7.78
C TRP A 144 9.28 16.21 6.40
N LEU A 145 8.50 15.88 5.37
CA LEU A 145 8.97 15.92 3.99
C LEU A 145 8.44 17.20 3.36
N GLU A 146 9.33 18.16 3.13
CA GLU A 146 8.99 19.45 2.53
C GLU A 146 9.07 19.31 1.01
N LEU A 147 8.01 18.74 0.44
CA LEU A 147 8.03 18.41 -0.98
C LEU A 147 7.86 19.61 -1.89
N GLY A 148 7.09 20.61 -1.44
CA GLY A 148 6.84 21.80 -2.22
C GLY A 148 6.24 22.89 -1.36
N PRO A 149 6.03 24.08 -1.93
CA PRO A 149 5.53 25.21 -1.13
C PRO A 149 4.23 24.92 -0.40
N ARG A 150 3.35 24.08 -0.94
CA ARG A 150 2.08 23.79 -0.29
C ARG A 150 1.91 22.29 -0.05
N HIS A 151 3.01 21.55 0.01
CA HIS A 151 2.98 20.11 0.24
C HIS A 151 4.03 19.75 1.28
N ARG A 152 3.55 19.39 2.47
CA ARG A 152 4.41 19.04 3.59
C ARG A 152 3.79 17.80 4.21
N LEU A 153 4.47 16.67 4.12
CA LEU A 153 3.91 15.40 4.57
C LEU A 153 4.80 14.79 5.64
N GLN A 154 4.18 14.23 6.68
CA GLN A 154 4.91 13.64 7.79
C GLN A 154 4.96 12.12 7.66
N VAL A 155 6.15 11.58 7.83
CA VAL A 155 6.36 10.14 7.86
C VAL A 155 5.94 9.61 9.22
N ILE A 156 5.11 8.57 9.24
CA ILE A 156 4.66 7.94 10.48
C ILE A 156 4.88 6.44 10.37
N GLU A 157 5.69 5.88 11.27
CA GLU A 157 5.89 4.44 11.31
C GLU A 157 4.56 3.74 11.58
N ALA A 158 4.29 2.70 10.82
CA ALA A 158 3.02 2.00 10.94
C ALA A 158 3.24 0.52 10.67
N HIS A 159 4.05 -0.10 11.51
CA HIS A 159 4.40 -1.50 11.38
C HIS A 159 3.22 -2.40 11.77
N GLY A 160 3.31 -3.66 11.36
CA GLY A 160 2.30 -4.65 11.68
C GLY A 160 1.86 -5.43 10.45
N HIS A 161 1.40 -4.68 9.43
CA HIS A 161 1.16 -5.29 8.13
C HIS A 161 2.45 -5.88 7.59
N SER A 162 3.53 -5.10 7.66
CA SER A 162 4.89 -5.53 7.40
C SER A 162 5.77 -4.80 8.41
N ASP A 163 7.00 -5.29 8.57
CA ASP A 163 7.88 -4.78 9.62
C ASP A 163 8.58 -3.49 9.22
N ASP A 164 8.32 -2.98 8.01
CA ASP A 164 8.95 -1.78 7.48
C ASP A 164 7.95 -0.66 7.18
N HIS A 165 6.65 -0.90 7.39
CA HIS A 165 5.60 -0.10 6.78
C HIS A 165 5.53 1.30 7.38
N VAL A 166 5.42 2.33 6.54
CA VAL A 166 5.19 3.69 7.00
C VAL A 166 4.01 4.28 6.23
N VAL A 167 3.44 5.35 6.77
CA VAL A 167 2.39 6.10 6.12
C VAL A 167 2.82 7.57 6.04
N PHE A 168 2.12 8.33 5.20
CA PHE A 168 2.46 9.73 4.94
C PHE A 168 1.24 10.61 5.14
N TYR A 169 1.36 11.62 6.00
CA TYR A 169 0.23 12.45 6.43
C TYR A 169 0.41 13.89 5.97
N ASP A 170 -0.53 14.35 5.16
CA ASP A 170 -0.62 15.74 4.71
C ASP A 170 -1.63 16.44 5.63
N VAL A 171 -1.14 17.17 6.64
CA VAL A 171 -2.10 17.70 7.60
C VAL A 171 -2.87 18.86 6.99
N ARG A 172 -2.23 19.63 6.10
CA ARG A 172 -2.91 20.73 5.42
C ARG A 172 -4.19 20.26 4.75
N ARG A 173 -4.14 19.09 4.11
CA ARG A 173 -5.29 18.53 3.42
C ARG A 173 -6.01 17.45 4.22
N ARG A 174 -5.60 17.19 5.46
CA ARG A 174 -6.13 16.08 6.25
C ARG A 174 -6.17 14.80 5.42
N ARG A 175 -5.03 14.49 4.77
CA ARG A 175 -4.93 13.41 3.79
C ARG A 175 -3.87 12.43 4.25
N LEU A 176 -4.24 11.17 4.41
CA LEU A 176 -3.33 10.12 4.83
C LEU A 176 -3.17 9.10 3.72
N PHE A 177 -1.93 8.93 3.24
CA PHE A 177 -1.58 7.79 2.39
C PHE A 177 -1.20 6.66 3.34
N CYS A 178 -2.11 5.70 3.54
CA CYS A 178 -1.97 4.73 4.62
C CYS A 178 -1.51 3.36 4.16
N GLY A 179 -1.21 3.18 2.87
CA GLY A 179 -0.67 1.91 2.43
C GLY A 179 -1.65 0.81 2.78
N ASP A 180 -1.14 -0.30 3.35
CA ASP A 180 -1.97 -1.45 3.72
C ASP A 180 -2.18 -1.55 5.23
N ALA A 181 -1.91 -0.47 5.98
CA ALA A 181 -1.94 -0.55 7.44
C ALA A 181 -3.35 -0.67 7.99
N LEU A 182 -4.37 -0.26 7.24
CA LEU A 182 -5.76 -0.44 7.65
C LEU A 182 -6.38 -1.72 7.09
N GLY A 183 -5.65 -2.44 6.25
CA GLY A 183 -6.17 -3.58 5.54
C GLY A 183 -6.62 -3.25 4.13
N GLU A 184 -7.49 -4.10 3.60
CA GLU A 184 -8.05 -4.00 2.25
C GLU A 184 -9.48 -3.53 2.37
N PHE A 185 -9.80 -2.40 1.75
CA PHE A 185 -11.17 -1.91 1.83
C PHE A 185 -12.09 -2.77 0.97
N ASP A 186 -13.17 -3.28 1.58
CA ASP A 186 -14.14 -4.15 0.92
C ASP A 186 -15.12 -3.29 0.14
N GLU A 187 -15.02 -3.32 -1.20
CA GLU A 187 -15.82 -2.42 -2.03
C GLU A 187 -17.28 -2.79 -2.04
N ALA A 188 -17.58 -4.07 -1.84
CA ALA A 188 -18.96 -4.52 -1.89
C ALA A 188 -19.69 -4.21 -0.59
N GLU A 189 -18.99 -4.24 0.54
CA GLU A 189 -19.61 -4.17 1.84
C GLU A 189 -19.24 -2.94 2.66
N GLY A 190 -18.21 -2.21 2.28
CA GLY A 190 -17.91 -0.94 2.92
C GLY A 190 -17.15 -1.01 4.22
N VAL A 191 -16.44 -2.12 4.47
CA VAL A 191 -15.67 -2.36 5.69
C VAL A 191 -14.24 -2.76 5.33
N TRP A 192 -13.37 -2.65 6.33
CA TRP A 192 -11.96 -3.03 6.21
C TRP A 192 -11.75 -4.52 6.45
N ARG A 193 -10.97 -5.15 5.57
CA ARG A 193 -10.52 -6.51 5.75
C ARG A 193 -9.10 -6.47 6.27
N PRO A 194 -8.80 -7.05 7.43
CA PRO A 194 -7.45 -6.92 7.99
C PRO A 194 -6.39 -7.57 7.10
N LEU A 195 -5.20 -6.96 7.10
CA LEU A 195 -4.02 -7.51 6.40
C LEU A 195 -2.85 -7.53 7.39
N VAL A 196 -2.94 -8.45 8.34
CA VAL A 196 -1.95 -8.57 9.42
C VAL A 196 -0.97 -9.65 8.98
N PHE A 197 0.11 -9.25 8.33
CA PHE A 197 1.05 -10.23 7.79
C PHE A 197 2.40 -10.24 8.49
N ASP A 198 2.59 -9.43 9.52
CA ASP A 198 3.83 -9.53 10.28
C ASP A 198 3.63 -9.63 11.80
N ASP A 199 2.86 -8.71 12.39
CA ASP A 199 2.79 -8.60 13.85
C ASP A 199 1.46 -7.97 14.24
N MET A 200 0.63 -8.70 14.99
CA MET A 200 -0.70 -8.21 15.31
C MET A 200 -0.65 -7.02 16.28
N GLU A 201 0.15 -7.14 17.34
CA GLU A 201 0.20 -6.05 18.32
CA GLU A 201 0.21 -6.05 18.32
C GLU A 201 0.70 -4.76 17.69
N ALA A 202 1.70 -4.85 16.81
CA ALA A 202 2.18 -3.67 16.10
C ALA A 202 1.09 -3.07 15.21
N TYR A 203 0.40 -3.94 14.46
CA TYR A 203 -0.68 -3.50 13.57
C TYR A 203 -1.73 -2.70 14.33
N LEU A 204 -2.20 -3.26 15.46
CA LEU A 204 -3.19 -2.58 16.26
C LEU A 204 -2.65 -1.30 16.89
N GLU A 205 -1.39 -1.34 17.37
CA GLU A 205 -0.80 -0.15 17.98
C GLU A 205 -0.64 0.97 16.96
N SER A 206 -0.32 0.63 15.71
CA SER A 206 -0.25 1.63 14.65
C SER A 206 -1.61 2.29 14.44
N LEU A 207 -2.67 1.49 14.40
CA LEU A 207 -4.01 2.03 14.22
C LEU A 207 -4.43 2.94 15.38
N GLU A 208 -4.09 2.55 16.62
CA GLU A 208 -4.31 3.43 17.77
C GLU A 208 -3.64 4.79 17.57
N ARG A 209 -2.38 4.79 17.15
CA ARG A 209 -1.69 6.07 16.92
C ARG A 209 -2.35 6.84 15.78
N LEU A 210 -2.67 6.15 14.67
CA LEU A 210 -3.23 6.88 13.53
C LEU A 210 -4.60 7.46 13.85
N GLN A 211 -5.36 6.79 14.70
CA GLN A 211 -6.66 7.32 15.11
CA GLN A 211 -6.66 7.31 15.14
C GLN A 211 -6.51 8.67 15.81
N ARG A 212 -5.35 8.93 16.40
CA ARG A 212 -5.13 10.18 17.12
C ARG A 212 -4.79 11.35 16.22
N LEU A 213 -4.52 11.12 14.93
CA LEU A 213 -4.24 12.23 14.04
C LEU A 213 -5.43 13.18 13.99
N PRO A 214 -5.21 14.46 13.63
CA PRO A 214 -6.35 15.33 13.36
C PRO A 214 -7.27 14.72 12.30
N THR A 215 -8.57 14.90 12.51
CA THR A 215 -9.59 14.24 11.71
C THR A 215 -9.23 14.23 10.24
N LEU A 216 -9.33 13.04 9.63
CA LEU A 216 -9.02 12.88 8.21
C LEU A 216 -10.17 13.34 7.34
N LEU A 217 -9.81 13.97 6.22
CA LEU A 217 -10.76 14.23 5.15
C LEU A 217 -10.58 13.28 3.97
N GLN A 218 -9.37 12.78 3.75
CA GLN A 218 -9.08 11.91 2.61
C GLN A 218 -8.17 10.80 3.09
N LEU A 219 -8.57 9.56 2.83
CA LEU A 219 -7.84 8.39 3.26
C LEU A 219 -7.54 7.56 2.03
N ILE A 220 -6.25 7.31 1.77
CA ILE A 220 -5.81 6.76 0.49
C ILE A 220 -4.97 5.52 0.79
N PRO A 221 -5.58 4.35 0.80
CA PRO A 221 -4.79 3.13 1.06
C PRO A 221 -4.03 2.67 -0.18
N GLY A 222 -3.42 1.50 -0.10
CA GLY A 222 -2.64 0.99 -1.22
C GLY A 222 -3.45 0.49 -2.38
N HIS A 223 -4.73 0.20 -2.17
CA HIS A 223 -5.55 -0.40 -3.20
C HIS A 223 -6.95 0.20 -3.11
N GLY A 224 -7.53 0.52 -4.27
CA GLY A 224 -8.95 0.79 -4.35
C GLY A 224 -9.36 2.25 -4.46
N GLY A 225 -8.42 3.18 -4.34
CA GLY A 225 -8.73 4.58 -4.64
C GLY A 225 -8.77 5.43 -3.39
N LEU A 226 -9.54 6.51 -3.43
CA LEU A 226 -9.56 7.52 -2.37
C LEU A 226 -10.87 7.45 -1.60
N LEU A 227 -10.78 7.46 -0.27
CA LEU A 227 -11.93 7.41 0.61
C LEU A 227 -12.10 8.76 1.28
N ARG A 228 -13.35 9.21 1.42
CA ARG A 228 -13.61 10.51 2.02
C ARG A 228 -14.85 10.43 2.93
N GLY A 229 -15.25 11.59 3.44
CA GLY A 229 -16.36 11.66 4.37
C GLY A 229 -16.09 10.75 5.55
N ARG A 230 -17.14 10.08 6.02
CA ARG A 230 -17.02 9.28 7.23
C ARG A 230 -16.03 8.12 7.06
N LEU A 231 -15.84 7.62 5.83
CA LEU A 231 -14.91 6.51 5.63
C LEU A 231 -13.49 6.94 5.98
N ALA A 232 -13.14 8.17 5.63
CA ALA A 232 -11.84 8.70 6.02
C ALA A 232 -11.80 9.01 7.51
N ALA A 233 -12.81 9.71 8.01
CA ALA A 233 -12.76 10.14 9.42
C ALA A 233 -12.73 8.94 10.36
N ASP A 234 -13.41 7.86 10.00
CA ASP A 234 -13.54 6.70 10.88
C ASP A 234 -12.61 5.56 10.53
N GLY A 235 -11.74 5.73 9.52
CA GLY A 235 -11.04 4.61 8.94
C GLY A 235 -10.17 3.85 9.92
N ALA A 236 -9.30 4.55 10.64
CA ALA A 236 -8.38 3.89 11.56
C ALA A 236 -9.13 3.14 12.66
N GLU A 237 -10.17 3.77 13.21
CA GLU A 237 -10.96 3.12 14.25
C GLU A 237 -11.66 1.87 13.71
N SER A 238 -12.24 1.98 12.50
CA SER A 238 -12.94 0.86 11.90
C SER A 238 -11.98 -0.28 11.59
N ALA A 239 -10.82 0.03 11.01
CA ALA A 239 -9.83 -1.00 10.74
C ALA A 239 -9.45 -1.75 12.01
N TYR A 240 -9.28 -1.01 13.11
CA TYR A 240 -8.96 -1.63 14.40
C TYR A 240 -10.07 -2.59 14.81
N THR A 241 -11.32 -2.11 14.74
CA THR A 241 -12.50 -2.90 15.08
C THR A 241 -12.59 -4.17 14.23
N GLU A 242 -12.36 -4.05 12.93
CA GLU A 242 -12.45 -5.22 12.06
C GLU A 242 -11.34 -6.22 12.38
N CYS A 243 -10.17 -5.75 12.80
CA CYS A 243 -9.12 -6.70 13.18
C CYS A 243 -9.55 -7.48 14.41
N LEU A 244 -10.10 -6.80 15.42
CA LEU A 244 -10.59 -7.50 16.62
C LEU A 244 -11.70 -8.47 16.26
N ARG A 245 -12.58 -8.09 15.34
CA ARG A 245 -13.64 -8.98 14.90
C ARG A 245 -13.09 -10.28 14.32
N LEU A 246 -12.03 -10.17 13.53
CA LEU A 246 -11.46 -11.38 12.94
C LEU A 246 -10.79 -12.23 14.02
N CYS A 247 -10.14 -11.60 15.01
CA CYS A 247 -9.54 -12.34 16.10
CA CYS A 247 -9.53 -12.36 16.08
C CYS A 247 -10.58 -13.16 16.85
N ARG A 248 -11.70 -12.52 17.18
CA ARG A 248 -12.76 -13.21 17.90
C ARG A 248 -13.30 -14.36 17.07
N ARG A 249 -13.47 -14.12 15.79
CA ARG A 249 -13.95 -15.16 14.89
C ARG A 249 -13.00 -16.35 14.87
N LEU A 250 -11.70 -16.08 14.82
CA LEU A 250 -10.72 -17.16 14.81
C LEU A 250 -10.79 -17.96 16.11
N LEU A 251 -10.94 -17.28 17.25
CA LEU A 251 -11.02 -17.96 18.53
C LEU A 251 -12.30 -18.76 18.66
N TRP A 252 -13.42 -18.21 18.17
CA TRP A 252 -14.68 -18.96 18.17
C TRP A 252 -14.50 -20.30 17.47
N ARG A 253 -13.94 -20.25 16.26
CA ARG A 253 -13.83 -21.45 15.46
C ARG A 253 -12.81 -22.44 16.02
N GLN A 254 -11.68 -21.94 16.53
CA GLN A 254 -10.71 -22.82 17.15
C GLN A 254 -11.29 -23.48 18.40
N SER A 255 -12.11 -22.73 19.15
CA SER A 255 -12.78 -23.31 20.30
C SER A 255 -13.74 -24.43 19.91
N MET A 256 -14.21 -24.42 18.66
CA MET A 256 -15.01 -25.51 18.13
C MET A 256 -14.16 -26.62 17.52
N GLY A 257 -12.85 -26.59 17.76
CA GLY A 257 -11.96 -27.64 17.29
C GLY A 257 -11.53 -27.53 15.85
N GLU A 258 -11.83 -26.41 15.19
CA GLU A 258 -11.45 -26.25 13.78
C GLU A 258 -9.95 -26.03 13.65
N SER A 259 -9.41 -26.47 12.52
CA SER A 259 -8.06 -26.06 12.14
C SER A 259 -8.10 -24.68 11.49
N LEU A 260 -6.94 -24.01 11.48
CA LEU A 260 -6.81 -22.72 10.80
C LEU A 260 -7.19 -22.80 9.32
N ASP A 261 -7.21 -24.00 8.74
CA ASP A 261 -7.42 -24.10 7.30
C ASP A 261 -8.88 -23.84 6.92
N GLU A 262 -9.81 -24.12 7.83
CA GLU A 262 -11.22 -23.90 7.53
C GLU A 262 -11.52 -22.41 7.39
N LEU A 263 -11.11 -21.61 8.37
CA LEU A 263 -11.33 -20.17 8.26
C LEU A 263 -10.45 -19.56 7.16
N SER A 264 -9.24 -20.08 6.97
CA SER A 264 -8.43 -19.65 5.83
C SER A 264 -9.20 -19.77 4.53
N GLU A 265 -9.82 -20.93 4.30
CA GLU A 265 -10.55 -21.16 3.06
C GLU A 265 -11.78 -20.28 2.96
N GLU A 266 -12.48 -20.07 4.07
CA GLU A 266 -13.62 -19.18 4.06
C GLU A 266 -13.19 -17.75 3.74
N LEU A 267 -12.07 -17.29 4.34
CA LEU A 267 -11.58 -15.95 4.05
C LEU A 267 -11.17 -15.82 2.58
N HIS A 268 -10.47 -16.83 2.05
CA HIS A 268 -10.12 -16.80 0.64
C HIS A 268 -11.38 -16.79 -0.23
N ARG A 269 -12.38 -17.60 0.12
CA ARG A 269 -13.65 -17.56 -0.60
C ARG A 269 -14.29 -16.17 -0.54
N ALA A 270 -14.45 -15.64 0.67
CA ALA A 270 -15.21 -14.41 0.85
C ALA A 270 -14.44 -13.18 0.35
N TRP A 271 -13.12 -13.21 0.41
CA TRP A 271 -12.32 -12.00 0.18
C TRP A 271 -11.39 -12.06 -1.02
N GLY A 272 -11.06 -13.24 -1.55
CA GLY A 272 -10.01 -13.34 -2.55
C GLY A 272 -10.36 -12.75 -3.92
N GLY A 273 -11.65 -12.53 -4.19
CA GLY A 273 -12.06 -12.07 -5.50
C GLY A 273 -11.55 -10.68 -5.84
N GLN A 274 -11.41 -9.81 -4.83
CA GLN A 274 -11.14 -8.41 -5.10
C GLN A 274 -9.75 -8.19 -5.67
N SER A 275 -8.76 -8.94 -5.17
CA SER A 275 -7.37 -8.78 -5.55
C SER A 275 -6.89 -9.77 -6.61
N VAL A 276 -7.80 -10.52 -7.24
CA VAL A 276 -7.38 -11.68 -8.03
C VAL A 276 -6.48 -11.27 -9.19
N ASP A 277 -6.64 -10.05 -9.71
CA ASP A 277 -5.87 -9.63 -10.88
C ASP A 277 -4.45 -9.13 -10.55
N PHE A 278 -4.11 -8.91 -9.28
CA PHE A 278 -2.73 -8.55 -8.92
C PHE A 278 -2.14 -9.42 -7.82
N LEU A 279 -2.86 -10.42 -7.32
CA LEU A 279 -2.31 -11.37 -6.37
C LEU A 279 -2.23 -12.73 -7.05
N PRO A 280 -1.07 -13.16 -7.51
CA PRO A 280 -1.00 -14.34 -8.38
C PRO A 280 -1.33 -15.62 -7.62
N GLY A 281 -1.73 -16.62 -8.40
CA GLY A 281 -1.96 -17.97 -7.92
C GLY A 281 -2.52 -18.13 -6.52
N GLU A 282 -1.72 -18.75 -5.66
CA GLU A 282 -2.17 -19.16 -4.34
C GLU A 282 -1.87 -18.13 -3.25
N LEU A 283 -1.37 -16.95 -3.62
CA LEU A 283 -0.86 -16.05 -2.61
C LEU A 283 -1.95 -15.54 -1.69
N HIS A 284 -3.17 -15.33 -2.20
CA HIS A 284 -4.22 -14.83 -1.32
C HIS A 284 -4.52 -15.83 -0.21
N LEU A 285 -4.86 -17.08 -0.59
CA LEU A 285 -5.14 -18.10 0.41
C LEU A 285 -3.97 -18.25 1.38
N GLY A 286 -2.75 -18.23 0.87
CA GLY A 286 -1.60 -18.35 1.75
C GLY A 286 -1.46 -17.15 2.65
N SER A 287 -1.75 -15.95 2.13
CA SER A 287 -1.75 -14.75 2.93
C SER A 287 -2.77 -14.83 4.06
N MET A 288 -3.97 -15.34 3.77
CA MET A 288 -4.97 -15.53 4.81
C MET A 288 -4.47 -16.49 5.88
N ARG A 289 -3.82 -17.58 5.46
CA ARG A 289 -3.28 -18.54 6.41
C ARG A 289 -2.24 -17.91 7.32
N ARG A 290 -1.26 -17.22 6.72
CA ARG A 290 -0.20 -16.58 7.48
C ARG A 290 -0.78 -15.58 8.47
N MET A 291 -1.80 -14.82 8.06
CA MET A 291 -2.45 -13.89 8.98
C MET A 291 -3.06 -14.63 10.16
N LEU A 292 -3.80 -15.71 9.90
CA LEU A 292 -4.45 -16.40 11.00
C LEU A 292 -3.42 -17.06 11.91
N GLU A 293 -2.31 -17.54 11.34
CA GLU A 293 -1.21 -18.02 12.16
C GLU A 293 -0.71 -16.91 13.08
N ILE A 294 -0.49 -15.73 12.54
CA ILE A 294 -0.02 -14.61 13.34
C ILE A 294 -1.03 -14.31 14.44
N LEU A 295 -2.31 -14.18 14.08
CA LEU A 295 -3.33 -13.89 15.09
C LEU A 295 -3.42 -15.02 16.11
N SER A 296 -3.31 -16.27 15.66
CA SER A 296 -3.42 -17.42 16.56
CA SER A 296 -3.43 -17.41 16.57
C SER A 296 -2.33 -17.40 17.61
N ARG A 297 -1.10 -17.06 17.21
CA ARG A 297 0.02 -17.06 18.14
C ARG A 297 -0.14 -15.98 19.21
N GLN A 298 -0.66 -14.82 18.83
CA GLN A 298 -0.83 -13.76 19.81
C GLN A 298 -2.05 -13.99 20.69
N ALA A 299 -3.15 -14.47 20.13
CA ALA A 299 -4.43 -14.48 20.83
C ALA A 299 -4.90 -15.84 21.29
N LEU A 300 -4.22 -16.93 20.94
CA LEU A 300 -4.65 -18.24 21.40
C LEU A 300 -4.35 -18.41 22.89
N PRO A 301 -5.26 -19.03 23.65
CA PRO A 301 -5.11 -19.05 25.12
C PRO A 301 -3.92 -19.85 25.61
N LEU A 302 -3.76 -21.07 25.12
CA LEU A 302 -2.69 -21.96 25.60
C LEU A 302 -1.32 -21.41 25.20
FE FE B . 1.60 -5.03 1.75
FE FE C . -0.75 -4.27 -0.95
C10 61M D . -0.38 -7.59 -0.61
C01 61M D . -2.59 -9.41 0.29
C02 61M D . -2.91 -8.16 -0.22
C03 61M D . -4.23 -7.80 -0.45
C04 61M D . -5.25 -8.70 -0.19
C05 61M D . -4.94 -9.95 0.32
C06 61M D . -3.62 -10.31 0.56
N07 61M D . -4.56 -6.52 -0.98
C08 61M D . -1.81 -7.17 -0.51
O09 61M D . -2.05 -5.98 -0.65
C11 61M D . 0.38 -6.77 0.39
O12 61M D . 0.56 -7.29 1.52
O13 61M D . 0.82 -5.60 0.09
H101 61M D . -0.04 -7.42 -1.52
H102 61M D . -0.29 -8.54 -0.40
H011 61M D . -1.67 -9.65 0.47
H041 61M D . -6.17 -8.46 -0.35
H051 61M D . -5.65 -10.59 0.51
H061 61M D . -3.41 -11.19 0.93
H071 61M D . -4.75 -5.83 -0.41
H072 61M D . -4.58 -6.40 -1.88
#